data_5IL0
#
_entry.id   5IL0
#
_cell.length_a   101.695
_cell.length_b   101.695
_cell.length_c   116.478
_cell.angle_alpha   90.00
_cell.angle_beta   90.00
_cell.angle_gamma   90.00
#
_symmetry.space_group_name_H-M   'P 41 21 2'
#
loop_
_entity.id
_entity.type
_entity.pdbx_description
1 polymer METTL3
2 polymer METTL14
3 non-polymer 1,2-ETHANEDIOL
4 non-polymer 'BROMIDE ION'
5 water water
#
loop_
_entity_poly.entity_id
_entity_poly.type
_entity_poly.pdbx_seq_one_letter_code
_entity_poly.pdbx_strand_id
1 'polypeptide(L)'
;FPPQWICCDIRYLDVSILGKFAVVMADPPWDIHMELPYGTLTDDEMRRLNIPVLQDDGFLFLWVTGRAMELGRECLNLWG
YERVDEIIWVKTNQLQRIIRTGRTGHWLNHGKEHCLVGVKGNPQGFNQGLDCDVIVAEVRSTSHKPDEIYGMIERLSPGT
RKIELFGRPHNVQPNWITLGNQLDGIHLLDPDVVARFKQRYPDGIISKPKNL
;
A
2 'polypeptide(L)'
;GTQSLNPHNDYCQHFVDTGHRPQNFIRDVGLADRFEEYPKLRELIRLKDELIAKSNTPPMYLQADIEAFDIRELTPKFDV
ILLEPPLEEYYRETGITANEKCWTWDDIMKLEIDEIAAPRSFIFLWCGSGEGLDLGRVCLRKWGYRRCEDICWIKTNKNN
PGKTKTLDPKAVFQRTKEHCLMGIKGTVKRSTDGDFIHANVDIDLIITEEPEIGNIEKPVEIFHIIEHFCLGRRRLHLFG
RDSTIRPGWLTVGPTLTNSNYNAETYASYFSAPNSYLTGCTEEIERLRPK(SEP)PPPKSKSDR
;
B
#
loop_
_chem_comp.id
_chem_comp.type
_chem_comp.name
_chem_comp.formula
BR non-polymer 'BROMIDE ION' 'Br -1'
EDO non-polymer 1,2-ETHANEDIOL 'C2 H6 O2'
#
# COMPACT_ATOMS: atom_id res chain seq x y z
N PHE A 1 28.11 -21.48 -3.24
CA PHE A 1 27.45 -21.25 -1.96
C PHE A 1 27.89 -19.95 -1.25
N PRO A 2 29.16 -19.56 -1.37
CA PRO A 2 29.52 -18.16 -1.10
C PRO A 2 28.85 -17.23 -2.10
N PRO A 3 29.01 -15.91 -1.96
CA PRO A 3 28.38 -14.99 -2.93
C PRO A 3 28.73 -15.35 -4.37
N GLN A 4 27.72 -15.24 -5.24
CA GLN A 4 27.89 -15.43 -6.68
C GLN A 4 27.11 -14.36 -7.41
N TRP A 5 27.63 -13.93 -8.57
CA TRP A 5 26.96 -12.89 -9.33
C TRP A 5 27.30 -13.01 -10.81
N ILE A 6 26.47 -12.38 -11.64
CA ILE A 6 26.68 -12.29 -13.08
C ILE A 6 26.31 -10.89 -13.52
N CYS A 7 27.28 -10.10 -13.97
CA CYS A 7 26.98 -8.84 -14.62
C CYS A 7 26.32 -9.11 -15.97
N CYS A 8 25.12 -8.57 -16.18
CA CYS A 8 24.40 -8.91 -17.40
C CYS A 8 23.24 -7.95 -17.60
N ASP A 9 22.72 -7.96 -18.83
CA ASP A 9 21.45 -7.32 -19.14
C ASP A 9 20.34 -8.32 -18.86
N ILE A 10 19.46 -8.01 -17.91
CA ILE A 10 18.44 -8.96 -17.45
C ILE A 10 17.58 -9.43 -18.61
N ARG A 11 17.31 -8.56 -19.58
CA ARG A 11 16.45 -8.94 -20.71
C ARG A 11 17.08 -9.99 -21.60
N TYR A 12 18.41 -10.10 -21.62
CA TYR A 12 19.08 -10.93 -22.61
C TYR A 12 19.69 -12.20 -22.05
N LEU A 13 19.97 -12.27 -20.74
CA LEU A 13 20.64 -13.42 -20.15
C LEU A 13 19.76 -14.66 -20.24
N ASP A 14 20.34 -15.77 -20.72
CA ASP A 14 19.61 -17.03 -20.80
C ASP A 14 19.58 -17.64 -19.40
N VAL A 15 18.53 -17.33 -18.67
CA VAL A 15 18.47 -17.62 -17.23
C VAL A 15 18.14 -19.09 -17.00
N SER A 16 17.96 -19.86 -18.09
CA SER A 16 17.69 -21.28 -17.96
C SER A 16 18.89 -22.07 -17.46
N ILE A 17 20.07 -21.45 -17.36
CA ILE A 17 21.29 -22.15 -16.98
C ILE A 17 21.53 -22.14 -15.48
N LEU A 18 20.77 -21.36 -14.72
CA LEU A 18 21.03 -21.17 -13.30
C LEU A 18 20.33 -22.20 -12.41
N GLY A 19 19.45 -23.01 -12.97
CA GLY A 19 18.73 -23.99 -12.17
C GLY A 19 17.50 -23.38 -11.52
N LYS A 20 16.99 -24.09 -10.52
CA LYS A 20 15.77 -23.71 -9.82
C LYS A 20 16.10 -23.12 -8.46
N PHE A 21 15.27 -22.19 -8.00
CA PHE A 21 15.53 -21.45 -6.77
C PHE A 21 14.31 -21.44 -5.87
N ALA A 22 14.55 -21.59 -4.57
CA ALA A 22 13.44 -21.55 -3.63
C ALA A 22 12.88 -20.14 -3.47
N VAL A 23 13.71 -19.11 -3.61
CA VAL A 23 13.24 -17.73 -3.54
C VAL A 23 13.80 -16.95 -4.73
N VAL A 24 12.93 -16.17 -5.37
CA VAL A 24 13.29 -15.20 -6.40
C VAL A 24 12.93 -13.83 -5.87
N MET A 25 13.83 -12.86 -6.01
CA MET A 25 13.54 -11.48 -5.62
C MET A 25 13.97 -10.52 -6.71
N ALA A 26 13.13 -9.52 -6.99
CA ALA A 26 13.47 -8.50 -7.96
C ALA A 26 12.96 -7.14 -7.51
N ASP A 27 13.80 -6.13 -7.66
CA ASP A 27 13.47 -4.73 -7.39
C ASP A 27 13.69 -4.03 -8.72
N PRO A 28 12.76 -4.11 -9.65
CA PRO A 28 13.06 -3.72 -11.02
C PRO A 28 12.84 -2.24 -11.25
N PRO A 29 13.52 -1.66 -12.29
CA PRO A 29 13.32 -0.26 -12.71
C PRO A 29 12.05 -0.15 -13.56
N TRP A 30 10.91 -0.23 -12.87
CA TRP A 30 9.61 -0.12 -13.50
C TRP A 30 9.49 1.19 -14.29
N ASP A 31 8.84 1.12 -15.45
CA ASP A 31 8.40 2.32 -16.14
C ASP A 31 7.18 2.85 -15.39
N ILE A 32 7.36 3.82 -14.51
CA ILE A 32 6.26 4.29 -13.67
C ILE A 32 5.60 5.53 -14.27
N HIS A 33 5.80 5.77 -15.56
CA HIS A 33 5.20 6.92 -16.27
C HIS A 33 5.54 8.22 -15.56
N MET A 34 6.77 8.30 -15.06
CA MET A 34 7.29 9.50 -14.42
C MET A 34 8.72 9.72 -14.90
N GLU A 35 9.22 10.93 -14.67
CA GLU A 35 10.59 11.25 -15.03
C GLU A 35 11.54 10.71 -13.97
N LEU A 36 12.53 9.92 -14.41
CA LEU A 36 13.44 9.24 -13.51
C LEU A 36 14.87 9.45 -13.97
N PRO A 37 15.81 9.53 -13.03
CA PRO A 37 17.22 9.76 -13.41
C PRO A 37 17.96 8.46 -13.73
N TYR A 38 17.23 7.39 -14.04
CA TYR A 38 17.82 6.11 -14.39
C TYR A 38 16.97 5.43 -15.47
N GLY A 39 17.56 4.44 -16.14
CA GLY A 39 16.86 3.75 -17.20
C GLY A 39 15.82 2.77 -16.66
N THR A 40 14.73 2.60 -17.42
CA THR A 40 13.65 1.73 -17.01
C THR A 40 13.46 0.63 -18.05
N LEU A 41 12.72 -0.40 -17.66
CA LEU A 41 12.27 -1.44 -18.58
C LEU A 41 10.80 -1.19 -18.94
N THR A 42 10.46 -1.42 -20.20
CA THR A 42 9.07 -1.23 -20.61
C THR A 42 8.18 -2.30 -19.96
N ASP A 43 6.87 -2.04 -19.96
CA ASP A 43 5.95 -3.05 -19.42
C ASP A 43 6.11 -4.37 -20.16
N ASP A 44 6.26 -4.32 -21.49
CA ASP A 44 6.41 -5.56 -22.25
C ASP A 44 7.73 -6.24 -21.92
N GLU A 45 8.80 -5.47 -21.74
CA GLU A 45 10.07 -6.08 -21.33
C GLU A 45 9.93 -6.77 -19.97
N MET A 46 9.19 -6.15 -19.05
CA MET A 46 8.99 -6.76 -17.74
C MET A 46 8.17 -8.04 -17.85
N ARG A 47 7.02 -7.97 -18.55
CA ARG A 47 6.19 -9.16 -18.73
C ARG A 47 6.95 -10.33 -19.34
N ARG A 48 7.87 -10.05 -20.28
CA ARG A 48 8.54 -11.12 -20.99
C ARG A 48 9.75 -11.67 -20.26
N LEU A 49 10.08 -11.18 -19.07
CA LEU A 49 11.17 -11.76 -18.31
C LEU A 49 10.92 -13.24 -18.07
N ASN A 50 11.95 -14.06 -18.26
CA ASN A 50 11.74 -15.50 -18.14
C ASN A 50 11.78 -15.95 -16.68
N ILE A 51 10.99 -15.29 -15.84
CA ILE A 51 10.85 -15.71 -14.44
C ILE A 51 10.36 -17.14 -14.32
N PRO A 52 9.39 -17.63 -15.12
CA PRO A 52 8.86 -18.98 -14.88
C PRO A 52 9.91 -20.09 -14.84
N VAL A 53 11.00 -19.99 -15.59
CA VAL A 53 11.95 -21.10 -15.61
C VAL A 53 12.82 -21.15 -14.36
N LEU A 54 12.83 -20.08 -13.55
CA LEU A 54 13.69 -20.01 -12.37
C LEU A 54 13.21 -20.84 -11.20
N GLN A 55 11.99 -21.37 -11.25
CA GLN A 55 11.37 -21.91 -10.07
C GLN A 55 10.15 -22.75 -10.40
N ASP A 56 10.04 -23.93 -9.78
CA ASP A 56 8.83 -24.74 -9.83
C ASP A 56 8.00 -24.62 -8.57
N ASP A 57 8.67 -24.51 -7.42
CA ASP A 57 8.02 -24.40 -6.12
C ASP A 57 8.82 -23.40 -5.29
N GLY A 58 8.18 -22.33 -4.85
CA GLY A 58 8.88 -21.36 -4.02
C GLY A 58 8.19 -20.01 -4.04
N PHE A 59 8.96 -18.99 -3.65
CA PHE A 59 8.42 -17.68 -3.37
C PHE A 59 9.06 -16.63 -4.27
N LEU A 60 8.29 -15.58 -4.54
CA LEU A 60 8.75 -14.42 -5.29
C LEU A 60 8.52 -13.18 -4.43
N PHE A 61 9.55 -12.33 -4.32
CA PHE A 61 9.46 -11.03 -3.68
C PHE A 61 9.65 -9.99 -4.76
N LEU A 62 8.60 -9.20 -5.02
CA LEU A 62 8.59 -8.26 -6.15
C LEU A 62 8.29 -6.87 -5.60
N TRP A 63 9.30 -6.01 -5.57
CA TRP A 63 9.13 -4.63 -5.13
C TRP A 63 8.38 -3.83 -6.19
N VAL A 64 7.40 -3.04 -5.75
CA VAL A 64 6.51 -2.33 -6.67
C VAL A 64 6.26 -0.92 -6.16
N THR A 65 5.97 -0.02 -7.09
CA THR A 65 5.55 1.33 -6.73
C THR A 65 4.67 1.90 -7.84
N GLY A 66 3.93 2.96 -7.52
CA GLY A 66 3.17 3.66 -8.54
C GLY A 66 2.22 2.73 -9.28
N ARG A 67 2.17 2.87 -10.61
CA ARG A 67 1.29 2.01 -11.38
C ARG A 67 1.76 0.57 -11.42
N ALA A 68 2.98 0.29 -10.96
CA ALA A 68 3.41 -1.09 -10.86
C ALA A 68 2.77 -1.81 -9.69
N MET A 69 2.00 -1.13 -8.81
CA MET A 69 1.15 -1.89 -7.89
C MET A 69 0.25 -2.83 -8.66
N GLU A 70 -0.28 -2.36 -9.80
CA GLU A 70 -1.16 -3.21 -10.58
C GLU A 70 -0.38 -4.01 -11.62
N LEU A 71 0.62 -3.39 -12.25
CA LEU A 71 1.40 -4.12 -13.22
C LEU A 71 2.19 -5.25 -12.55
N GLY A 72 2.68 -5.02 -11.32
CA GLY A 72 3.37 -6.10 -10.62
C GLY A 72 2.45 -7.26 -10.30
N ARG A 73 1.18 -6.98 -9.99
CA ARG A 73 0.20 -8.05 -9.82
C ARG A 73 -0.01 -8.81 -11.13
N GLU A 74 -0.04 -8.10 -12.26
CA GLU A 74 -0.20 -8.77 -13.55
C GLU A 74 1.00 -9.65 -13.87
N CYS A 75 2.21 -9.19 -13.52
CA CYS A 75 3.41 -9.99 -13.74
C CYS A 75 3.41 -11.24 -12.87
N LEU A 76 3.09 -11.09 -11.58
CA LEU A 76 2.90 -12.25 -10.72
C LEU A 76 2.00 -13.28 -11.40
N ASN A 77 0.86 -12.82 -11.93
CA ASN A 77 -0.07 -13.73 -12.60
C ASN A 77 0.58 -14.35 -13.85
N LEU A 78 1.19 -13.52 -14.69
CA LEU A 78 1.78 -14.06 -15.91
C LEU A 78 2.88 -15.07 -15.60
N TRP A 79 3.63 -14.86 -14.51
CA TRP A 79 4.75 -15.74 -14.17
C TRP A 79 4.32 -16.96 -13.38
N GLY A 80 3.05 -17.06 -13.02
CA GLY A 80 2.52 -18.28 -12.42
C GLY A 80 2.40 -18.27 -10.91
N TYR A 81 2.34 -17.09 -10.28
CA TYR A 81 2.28 -16.96 -8.84
C TYR A 81 0.89 -16.52 -8.39
N GLU A 82 0.56 -16.86 -7.14
CA GLU A 82 -0.53 -16.23 -6.41
C GLU A 82 0.05 -15.32 -5.33
N ARG A 83 -0.52 -14.13 -5.15
CA ARG A 83 -0.03 -13.18 -4.13
C ARG A 83 -0.60 -13.56 -2.79
N VAL A 84 0.27 -13.80 -1.80
CA VAL A 84 -0.18 -14.27 -0.49
C VAL A 84 0.25 -13.36 0.65
N ASP A 85 1.02 -12.31 0.38
CA ASP A 85 1.37 -11.32 1.39
C ASP A 85 1.84 -10.06 0.69
N GLU A 86 1.94 -8.98 1.46
CA GLU A 86 2.42 -7.71 0.94
C GLU A 86 3.20 -7.03 2.07
N ILE A 87 4.51 -6.94 1.91
CA ILE A 87 5.38 -6.33 2.90
C ILE A 87 5.50 -4.84 2.58
N ILE A 88 5.53 -4.00 3.61
CA ILE A 88 5.87 -2.60 3.40
C ILE A 88 7.11 -2.23 4.22
N TRP A 89 7.96 -1.41 3.61
CA TRP A 89 9.11 -0.81 4.26
C TRP A 89 8.72 0.60 4.65
N VAL A 90 8.53 0.83 5.94
CA VAL A 90 8.25 2.17 6.45
C VAL A 90 9.58 2.90 6.63
N LYS A 91 9.75 4.02 5.92
CA LYS A 91 11.00 4.76 5.94
C LYS A 91 11.01 5.75 7.11
N THR A 92 12.08 5.72 7.90
CA THR A 92 12.23 6.62 9.05
C THR A 92 13.46 7.49 8.85
N ASN A 93 13.49 8.63 9.55
CA ASN A 93 14.67 9.48 9.49
C ASN A 93 15.63 9.13 10.63
N GLN A 94 16.65 9.95 10.83
CA GLN A 94 17.65 9.62 11.83
C GLN A 94 17.13 9.69 13.26
N LEU A 95 15.93 10.23 13.49
CA LEU A 95 15.31 10.23 14.80
C LEU A 95 14.21 9.18 14.92
N GLN A 96 14.23 8.19 14.01
CA GLN A 96 13.20 7.15 13.91
C GLN A 96 11.80 7.72 13.74
N ARG A 97 11.69 8.86 13.07
CA ARG A 97 10.40 9.48 12.80
C ARG A 97 10.05 9.35 11.32
N ILE A 98 8.74 9.40 11.04
CA ILE A 98 8.27 9.47 9.67
C ILE A 98 8.51 10.88 9.13
N ILE A 99 9.11 10.99 7.95
CA ILE A 99 9.21 12.29 7.29
C ILE A 99 7.90 12.51 6.57
N ARG A 100 7.14 13.51 7.02
CA ARG A 100 5.78 13.72 6.53
C ARG A 100 5.69 14.84 5.52
N THR A 101 6.76 15.62 5.36
CA THR A 101 6.75 16.83 4.57
C THR A 101 7.26 16.56 3.15
N GLY A 102 7.30 17.62 2.35
CA GLY A 102 7.61 17.49 0.94
C GLY A 102 6.36 17.16 0.17
N ARG A 103 6.56 16.93 -1.13
CA ARG A 103 5.51 16.40 -1.99
C ARG A 103 6.08 15.10 -2.58
N THR A 104 5.78 13.98 -1.93
CA THR A 104 6.47 12.72 -2.21
C THR A 104 5.54 11.71 -2.85
N GLY A 105 4.32 12.11 -3.19
CA GLY A 105 3.38 11.27 -3.90
C GLY A 105 2.50 12.18 -4.73
N HIS A 106 1.72 11.58 -5.62
CA HIS A 106 0.86 12.37 -6.50
C HIS A 106 -0.28 13.03 -5.72
N TRP A 107 -0.93 12.28 -4.84
CA TRP A 107 -2.09 12.79 -4.11
C TRP A 107 -1.79 12.93 -2.62
N LEU A 108 -1.30 11.87 -2.01
CA LEU A 108 -0.82 11.87 -0.64
C LEU A 108 0.69 11.72 -0.64
N ASN A 109 1.33 12.15 0.45
CA ASN A 109 2.74 11.85 0.56
C ASN A 109 2.96 10.36 0.82
N HIS A 110 4.18 9.89 0.54
CA HIS A 110 4.47 8.46 0.53
C HIS A 110 5.45 8.13 1.64
N GLY A 111 5.05 7.26 2.57
CA GLY A 111 5.93 6.88 3.64
C GLY A 111 6.45 5.45 3.59
N LYS A 112 6.20 4.70 2.53
CA LYS A 112 6.60 3.28 2.50
C LYS A 112 6.88 2.82 1.07
N GLU A 113 7.62 1.71 0.97
CA GLU A 113 7.78 0.96 -0.27
C GLU A 113 7.16 -0.41 -0.11
N HIS A 114 6.51 -0.89 -1.15
CA HIS A 114 5.74 -2.13 -1.11
C HIS A 114 6.48 -3.26 -1.80
N CYS A 115 6.31 -4.47 -1.28
CA CYS A 115 6.88 -5.67 -1.88
C CYS A 115 5.80 -6.75 -1.91
N LEU A 116 5.44 -7.19 -3.11
CA LEU A 116 4.48 -8.27 -3.25
C LEU A 116 5.17 -9.59 -2.93
N VAL A 117 4.45 -10.48 -2.24
CA VAL A 117 4.94 -11.82 -1.96
C VAL A 117 4.06 -12.81 -2.68
N GLY A 118 4.65 -13.57 -3.61
CA GLY A 118 3.92 -14.55 -4.37
C GLY A 118 4.43 -15.96 -4.09
N VAL A 119 3.55 -16.93 -4.27
CA VAL A 119 3.91 -18.33 -4.09
C VAL A 119 3.58 -19.08 -5.37
N LYS A 120 4.40 -20.10 -5.65
CA LYS A 120 4.30 -20.91 -6.85
C LYS A 120 4.43 -22.37 -6.45
N GLY A 121 3.59 -23.22 -7.03
CA GLY A 121 3.73 -24.65 -6.77
C GLY A 121 3.40 -25.02 -5.33
N ASN A 122 4.21 -25.89 -4.75
CA ASN A 122 3.95 -26.45 -3.42
C ASN A 122 5.27 -26.59 -2.68
N PRO A 123 5.82 -25.48 -2.16
CA PRO A 123 7.13 -25.54 -1.50
C PRO A 123 7.07 -26.24 -0.15
N GLN A 124 8.23 -26.75 0.26
CA GLN A 124 8.38 -27.40 1.56
C GLN A 124 9.62 -26.84 2.26
N GLY A 125 9.66 -27.05 3.57
CA GLY A 125 10.80 -26.61 4.35
C GLY A 125 10.86 -25.12 4.59
N PHE A 126 9.71 -24.46 4.63
CA PHE A 126 9.65 -23.03 4.93
C PHE A 126 9.00 -22.82 6.30
N ASN A 127 9.37 -21.71 6.94
CA ASN A 127 8.94 -21.38 8.30
C ASN A 127 8.03 -20.15 8.25
N GLN A 128 6.72 -20.38 8.29
CA GLN A 128 5.75 -19.31 8.14
C GLN A 128 5.53 -18.61 9.47
N GLY A 129 5.40 -17.28 9.42
CA GLY A 129 5.01 -16.50 10.57
C GLY A 129 6.12 -16.07 11.50
N LEU A 130 7.38 -16.17 11.08
CA LEU A 130 8.46 -15.74 11.97
C LEU A 130 8.62 -14.22 11.97
N ASP A 131 8.36 -13.56 10.85
CA ASP A 131 8.54 -12.12 10.72
C ASP A 131 7.20 -11.44 10.46
N CYS A 132 7.15 -10.14 10.79
CA CYS A 132 6.04 -9.24 10.46
C CYS A 132 6.12 -8.81 9.01
N ASP A 133 5.02 -8.29 8.50
CA ASP A 133 4.99 -7.75 7.14
C ASP A 133 5.24 -6.24 7.11
N VAL A 134 5.84 -5.69 8.15
CA VAL A 134 6.21 -4.28 8.22
C VAL A 134 7.68 -4.19 8.60
N ILE A 135 8.47 -3.53 7.75
CA ILE A 135 9.90 -3.31 7.99
C ILE A 135 10.07 -1.84 8.36
N VAL A 136 10.81 -1.56 9.42
CA VAL A 136 11.07 -0.17 9.82
C VAL A 136 12.58 0.04 9.75
N ALA A 137 13.02 0.90 8.84
CA ALA A 137 14.45 1.15 8.69
C ALA A 137 14.69 2.49 8.01
N GLU A 138 15.80 3.13 8.38
CA GLU A 138 16.21 4.37 7.75
C GLU A 138 16.65 4.13 6.32
N VAL A 139 16.51 5.16 5.48
CA VAL A 139 17.11 5.16 4.16
C VAL A 139 18.62 5.29 4.31
N ARG A 140 19.37 4.28 3.82
CA ARG A 140 20.82 4.24 3.97
C ARG A 140 21.50 4.23 2.60
N SER A 141 22.40 5.20 2.38
CA SER A 141 23.31 5.25 1.21
C SER A 141 22.49 5.11 -0.07
N THR A 142 22.88 4.26 -1.02
CA THR A 142 22.19 4.11 -2.30
C THR A 142 21.02 3.13 -2.26
N SER A 143 20.66 2.59 -1.08
CA SER A 143 19.74 1.46 -1.04
C SER A 143 18.35 1.86 -1.51
N HIS A 144 17.79 1.06 -2.40
CA HIS A 144 16.43 1.26 -2.91
C HIS A 144 15.39 0.44 -2.16
N LYS A 145 15.83 -0.59 -1.45
CA LYS A 145 15.02 -1.45 -0.59
C LYS A 145 15.88 -1.79 0.61
N PRO A 146 15.27 -2.16 1.74
CA PRO A 146 16.04 -2.31 2.98
C PRO A 146 16.72 -3.67 3.07
N ASP A 147 17.96 -3.66 3.60
CA ASP A 147 18.72 -4.91 3.73
C ASP A 147 18.03 -5.92 4.65
N GLU A 148 17.11 -5.48 5.50
CA GLU A 148 16.40 -6.39 6.41
C GLU A 148 15.66 -7.50 5.66
N ILE A 149 15.29 -7.28 4.39
CA ILE A 149 14.53 -8.29 3.66
C ILE A 149 15.33 -9.58 3.49
N TYR A 150 16.66 -9.50 3.48
CA TYR A 150 17.45 -10.72 3.29
C TYR A 150 17.37 -11.63 4.52
N GLY A 151 17.32 -11.04 5.72
CA GLY A 151 17.17 -11.85 6.92
C GLY A 151 15.78 -12.47 7.03
N MET A 152 14.75 -11.71 6.68
CA MET A 152 13.40 -12.27 6.65
C MET A 152 13.29 -13.46 5.69
N ILE A 153 13.88 -13.32 4.50
CA ILE A 153 13.84 -14.40 3.51
C ILE A 153 14.63 -15.60 4.00
N GLU A 154 15.79 -15.36 4.62
CA GLU A 154 16.61 -16.47 5.13
C GLU A 154 15.92 -17.19 6.29
N ARG A 155 15.18 -16.46 7.12
CA ARG A 155 14.41 -17.12 8.17
C ARG A 155 13.20 -17.85 7.58
N LEU A 156 12.60 -17.29 6.53
CA LEU A 156 11.50 -17.98 5.86
C LEU A 156 11.95 -19.29 5.23
N SER A 157 13.13 -19.29 4.61
CA SER A 157 13.59 -20.41 3.78
C SER A 157 15.08 -20.60 3.95
N PRO A 158 15.51 -21.14 5.09
CA PRO A 158 16.95 -21.25 5.37
C PRO A 158 17.60 -22.36 4.58
N GLY A 159 18.80 -22.08 4.08
CA GLY A 159 19.63 -23.07 3.44
C GLY A 159 19.31 -23.36 1.98
N THR A 160 18.43 -22.58 1.36
CA THR A 160 18.05 -22.80 -0.03
C THR A 160 18.77 -21.81 -0.93
N ARG A 161 18.93 -22.20 -2.20
CA ARG A 161 19.49 -21.31 -3.19
C ARG A 161 18.47 -20.27 -3.60
N LYS A 162 18.91 -19.01 -3.67
CA LYS A 162 18.05 -17.90 -3.97
C LYS A 162 18.69 -17.06 -5.06
N ILE A 163 17.85 -16.32 -5.79
CA ILE A 163 18.32 -15.53 -6.91
C ILE A 163 17.67 -14.15 -6.87
N GLU A 164 18.47 -13.12 -7.17
CA GLU A 164 18.00 -11.73 -7.17
C GLU A 164 18.24 -11.13 -8.55
N LEU A 165 17.19 -10.55 -9.12
CA LEU A 165 17.31 -9.87 -10.39
C LEU A 165 17.40 -8.37 -10.13
N PHE A 166 18.16 -7.66 -10.97
CA PHE A 166 18.40 -6.23 -10.82
C PHE A 166 19.15 -5.90 -9.53
N GLY A 167 19.98 -6.82 -9.05
CA GLY A 167 20.71 -6.57 -7.82
C GLY A 167 21.98 -5.78 -8.04
N ARG A 168 22.53 -5.27 -6.95
CA ARG A 168 23.69 -4.40 -6.94
C ARG A 168 24.84 -5.04 -6.17
N PRO A 169 26.07 -4.54 -6.33
CA PRO A 169 27.21 -5.15 -5.60
C PRO A 169 26.98 -5.29 -4.11
N HIS A 170 26.30 -4.33 -3.48
CA HIS A 170 26.04 -4.41 -2.05
C HIS A 170 25.16 -5.59 -1.68
N ASN A 171 24.39 -6.14 -2.63
CA ASN A 171 23.40 -7.18 -2.36
C ASN A 171 23.95 -8.59 -2.44
N VAL A 172 25.19 -8.79 -2.90
CA VAL A 172 25.71 -10.15 -3.03
C VAL A 172 25.95 -10.72 -1.64
N GLN A 173 25.67 -12.03 -1.48
CA GLN A 173 25.80 -12.66 -0.17
C GLN A 173 25.63 -14.17 -0.25
N PRO A 174 25.95 -14.91 0.82
CA PRO A 174 25.85 -16.38 0.76
C PRO A 174 24.43 -16.83 0.46
N ASN A 175 24.33 -17.90 -0.33
CA ASN A 175 23.12 -18.60 -0.74
C ASN A 175 22.39 -17.88 -1.86
N TRP A 176 22.90 -16.74 -2.35
CA TRP A 176 22.27 -15.95 -3.39
C TRP A 176 23.15 -15.92 -4.63
N ILE A 177 22.51 -15.94 -5.81
CA ILE A 177 23.13 -15.52 -7.05
C ILE A 177 22.49 -14.19 -7.43
N THR A 178 23.32 -13.19 -7.67
CA THR A 178 22.84 -11.82 -7.92
C THR A 178 23.07 -11.46 -9.37
N LEU A 179 22.02 -11.02 -10.05
CA LEU A 179 22.11 -10.65 -11.46
C LEU A 179 21.82 -9.16 -11.61
N GLY A 180 22.63 -8.46 -12.38
CA GLY A 180 22.40 -7.04 -12.58
C GLY A 180 23.51 -6.44 -13.43
N ASN A 181 23.19 -5.29 -14.01
CA ASN A 181 24.18 -4.70 -14.91
C ASN A 181 25.24 -3.89 -14.18
N GLN A 182 25.11 -3.68 -12.87
CA GLN A 182 26.10 -2.94 -12.10
C GLN A 182 27.10 -3.85 -11.40
N LEU A 183 27.01 -5.17 -11.58
CA LEU A 183 27.92 -6.07 -10.92
C LEU A 183 29.27 -6.10 -11.63
N ASP A 184 30.30 -6.49 -10.88
CA ASP A 184 31.68 -6.48 -11.38
C ASP A 184 32.00 -7.84 -11.99
N GLY A 185 31.81 -7.94 -13.31
CA GLY A 185 32.17 -9.17 -13.98
C GLY A 185 31.25 -10.32 -13.62
N ILE A 186 31.79 -11.54 -13.70
CA ILE A 186 31.04 -12.77 -13.49
C ILE A 186 31.80 -13.62 -12.48
N HIS A 187 31.11 -14.05 -11.42
CA HIS A 187 31.73 -14.85 -10.37
C HIS A 187 30.75 -15.97 -10.01
N LEU A 188 30.99 -17.16 -10.57
CA LEU A 188 30.18 -18.34 -10.30
C LEU A 188 31.00 -19.38 -9.56
N LEU A 189 30.38 -20.05 -8.60
CA LEU A 189 31.05 -21.05 -7.77
C LEU A 189 30.41 -22.43 -7.85
N ASP A 190 29.08 -22.51 -7.84
CA ASP A 190 28.34 -23.75 -8.06
C ASP A 190 28.85 -24.43 -9.32
N PRO A 191 29.50 -25.59 -9.19
CA PRO A 191 30.05 -26.24 -10.40
C PRO A 191 29.00 -26.58 -11.44
N ASP A 192 27.76 -26.85 -11.05
CA ASP A 192 26.71 -27.12 -12.02
C ASP A 192 26.40 -25.89 -12.87
N VAL A 193 26.34 -24.71 -12.23
CA VAL A 193 26.06 -23.48 -12.97
C VAL A 193 27.24 -23.12 -13.88
N VAL A 194 28.46 -23.28 -13.39
CA VAL A 194 29.64 -22.97 -14.20
C VAL A 194 29.63 -23.81 -15.47
N ALA A 195 29.38 -25.11 -15.34
CA ALA A 195 29.36 -25.99 -16.50
C ALA A 195 28.34 -25.53 -17.53
N ARG A 196 27.12 -25.20 -17.08
CA ARG A 196 26.09 -24.80 -18.02
C ARG A 196 26.37 -23.42 -18.61
N PHE A 197 26.98 -22.53 -17.83
CA PHE A 197 27.34 -21.22 -18.37
C PHE A 197 28.34 -21.35 -19.51
N LYS A 198 29.33 -22.22 -19.35
CA LYS A 198 30.33 -22.41 -20.40
C LYS A 198 29.71 -23.00 -21.66
N GLN A 199 28.79 -23.95 -21.51
CA GLN A 199 28.16 -24.55 -22.69
C GLN A 199 27.35 -23.53 -23.48
N ARG A 200 26.73 -22.57 -22.79
CA ARG A 200 25.84 -21.61 -23.42
C ARG A 200 26.55 -20.36 -23.92
N TYR A 201 27.63 -19.95 -23.25
CA TYR A 201 28.41 -18.77 -23.63
C TYR A 201 29.85 -19.20 -23.77
N PRO A 202 30.20 -19.84 -24.89
CA PRO A 202 31.54 -20.43 -25.02
C PRO A 202 32.67 -19.45 -24.84
N ASP A 203 32.42 -18.14 -24.98
CA ASP A 203 33.46 -17.15 -24.81
C ASP A 203 32.99 -15.96 -23.96
N GLY A 204 32.05 -16.19 -23.06
CA GLY A 204 31.78 -15.27 -21.96
C GLY A 204 31.01 -14.01 -22.30
N ILE A 205 30.62 -13.80 -23.55
CA ILE A 205 29.91 -12.59 -23.95
C ILE A 205 28.41 -12.85 -23.88
N ILE A 206 27.75 -12.24 -22.91
CA ILE A 206 26.30 -12.40 -22.74
C ILE A 206 25.64 -11.32 -23.57
N SER A 207 25.54 -11.58 -24.88
CA SER A 207 24.96 -10.64 -25.81
C SER A 207 23.52 -11.02 -26.16
N LYS A 208 22.82 -10.06 -26.75
CA LYS A 208 21.45 -10.26 -27.19
C LYS A 208 21.36 -11.49 -28.10
N PRO A 209 20.36 -12.35 -27.92
CA PRO A 209 20.33 -13.61 -28.68
C PRO A 209 20.10 -13.38 -30.17
N LYS A 210 20.80 -14.18 -30.98
CA LYS A 210 20.69 -14.11 -32.44
C LYS A 210 19.27 -14.38 -32.90
N ASN A 211 18.46 -13.33 -33.05
CA ASN A 211 17.08 -13.47 -33.48
C ASN A 211 16.97 -14.05 -34.90
N HIS B 8 22.11 0.14 11.22
CA HIS B 8 21.78 0.22 12.64
C HIS B 8 21.29 -1.12 13.16
N ASN B 9 20.30 -1.08 14.04
CA ASN B 9 19.69 -2.30 14.55
C ASN B 9 18.75 -2.88 13.50
N ASP B 10 18.57 -4.19 13.56
CA ASP B 10 17.65 -4.91 12.69
C ASP B 10 16.38 -5.16 13.50
N TYR B 11 15.35 -4.33 13.27
CA TYR B 11 14.11 -4.50 14.04
C TYR B 11 13.33 -5.73 13.63
N CYS B 12 13.58 -6.29 12.44
CA CYS B 12 12.98 -7.59 12.13
C CYS B 12 13.54 -8.66 13.05
N GLN B 13 14.85 -8.72 13.17
CA GLN B 13 15.49 -9.61 14.14
C GLN B 13 14.99 -9.32 15.55
N HIS B 14 14.80 -8.04 15.89
CA HIS B 14 14.34 -7.73 17.24
C HIS B 14 12.93 -8.28 17.47
N PHE B 15 12.08 -8.25 16.44
CA PHE B 15 10.76 -8.86 16.59
C PHE B 15 10.87 -10.36 16.81
N VAL B 16 11.67 -11.04 15.97
CA VAL B 16 11.86 -12.48 16.13
C VAL B 16 12.33 -12.80 17.54
N ASP B 17 13.16 -11.95 18.13
CA ASP B 17 13.73 -12.21 19.45
C ASP B 17 12.78 -11.87 20.59
N THR B 18 11.92 -10.86 20.43
CA THR B 18 11.22 -10.26 21.56
C THR B 18 9.71 -10.22 21.41
N GLY B 19 9.16 -10.35 20.21
CA GLY B 19 7.75 -10.15 20.00
C GLY B 19 7.33 -8.70 19.83
N HIS B 20 8.24 -7.74 19.99
CA HIS B 20 7.89 -6.33 19.80
C HIS B 20 7.95 -6.00 18.32
N ARG B 21 6.84 -5.52 17.76
CA ARG B 21 6.76 -5.28 16.33
C ARG B 21 7.68 -4.11 15.94
N PRO B 22 8.25 -4.15 14.73
CA PRO B 22 9.15 -3.04 14.33
C PRO B 22 8.48 -1.69 14.43
N GLN B 23 7.20 -1.59 14.05
CA GLN B 23 6.51 -0.31 14.12
C GLN B 23 6.40 0.23 15.54
N ASN B 24 6.64 -0.59 16.57
CA ASN B 24 6.62 -0.08 17.93
C ASN B 24 7.69 0.97 18.16
N PHE B 25 8.71 1.03 17.31
CA PHE B 25 9.86 1.88 17.56
C PHE B 25 9.87 3.11 16.65
N ILE B 26 8.80 3.33 15.92
CA ILE B 26 8.59 4.61 15.26
C ILE B 26 8.17 5.64 16.30
N ARG B 27 8.85 6.78 16.30
CA ARG B 27 8.58 7.83 17.27
C ARG B 27 7.64 8.87 16.68
N ASP B 28 6.89 9.55 17.56
CA ASP B 28 6.11 10.74 17.21
C ASP B 28 5.05 10.44 16.16
N VAL B 29 4.18 9.47 16.49
CA VAL B 29 3.12 9.07 15.58
C VAL B 29 1.75 9.62 15.97
N GLY B 30 1.62 10.18 17.17
CA GLY B 30 0.30 10.55 17.68
C GLY B 30 -0.34 11.65 16.87
N LEU B 31 -1.67 11.56 16.75
CA LEU B 31 -2.40 12.51 15.92
C LEU B 31 -2.44 13.90 16.54
N ALA B 32 -2.91 14.01 17.79
CA ALA B 32 -3.06 15.32 18.42
C ALA B 32 -1.71 15.98 18.67
N ASP B 33 -0.70 15.20 19.05
CA ASP B 33 0.61 15.68 19.45
C ASP B 33 1.59 15.76 18.29
N ARG B 34 1.13 15.58 17.06
CA ARG B 34 1.97 15.36 15.88
C ARG B 34 3.06 16.41 15.70
N PHE B 35 2.65 17.65 15.42
CA PHE B 35 3.55 18.72 15.05
C PHE B 35 3.76 19.71 16.19
N GLU B 36 3.72 19.22 17.43
CA GLU B 36 3.97 20.10 18.58
C GLU B 36 5.28 20.85 18.43
N GLU B 37 6.32 20.17 17.93
CA GLU B 37 7.63 20.77 17.73
C GLU B 37 7.80 21.39 16.34
N TYR B 38 6.73 21.41 15.52
CA TYR B 38 6.79 21.89 14.14
C TYR B 38 5.68 22.91 13.94
N PRO B 39 5.92 24.16 14.36
CA PRO B 39 4.79 25.12 14.47
C PRO B 39 4.13 25.48 13.15
N LYS B 40 4.87 25.55 12.04
CA LYS B 40 4.22 25.87 10.77
C LYS B 40 3.42 24.70 10.25
N LEU B 41 3.90 23.48 10.46
CA LEU B 41 3.10 22.32 10.08
C LEU B 41 1.86 22.23 10.94
N ARG B 42 2.00 22.51 12.24
CA ARG B 42 0.85 22.47 13.13
C ARG B 42 -0.19 23.50 12.72
N GLU B 43 0.28 24.65 12.24
CA GLU B 43 -0.65 25.72 11.89
C GLU B 43 -1.45 25.36 10.64
N LEU B 44 -0.77 24.79 9.63
CA LEU B 44 -1.48 24.36 8.42
C LEU B 44 -2.60 23.38 8.76
N ILE B 45 -2.31 22.40 9.62
CA ILE B 45 -3.33 21.42 9.98
C ILE B 45 -4.44 22.10 10.77
N ARG B 46 -4.09 22.96 11.72
CA ARG B 46 -5.11 23.62 12.53
C ARG B 46 -6.03 24.50 11.68
N LEU B 47 -5.45 25.28 10.77
CA LEU B 47 -6.28 26.13 9.91
C LEU B 47 -7.18 25.31 9.00
N LYS B 48 -6.66 24.21 8.46
CA LYS B 48 -7.49 23.39 7.59
C LYS B 48 -8.62 22.71 8.37
N ASP B 49 -8.33 22.26 9.60
CA ASP B 49 -9.39 21.67 10.42
C ASP B 49 -10.45 22.70 10.79
N GLU B 50 -10.03 23.94 11.05
CA GLU B 50 -10.98 25.02 11.29
C GLU B 50 -11.84 25.28 10.06
N LEU B 51 -11.21 25.28 8.89
CA LEU B 51 -11.95 25.44 7.64
C LEU B 51 -12.97 24.31 7.45
N ILE B 52 -12.57 23.07 7.74
CA ILE B 52 -13.51 21.94 7.70
C ILE B 52 -14.65 22.16 8.69
N ALA B 53 -14.32 22.53 9.93
CA ALA B 53 -15.37 22.71 10.94
C ALA B 53 -16.34 23.82 10.56
N LYS B 54 -15.84 24.89 9.95
CA LYS B 54 -16.70 26.02 9.60
C LYS B 54 -17.75 25.62 8.57
N SER B 55 -17.39 24.73 7.65
CA SER B 55 -18.27 24.32 6.56
C SER B 55 -18.94 22.96 6.79
N ASN B 56 -18.76 22.35 7.96
CA ASN B 56 -19.29 21.01 8.17
C ASN B 56 -20.81 21.03 8.34
N THR B 57 -21.49 20.14 7.60
CA THR B 57 -22.88 19.88 7.89
C THR B 57 -23.01 19.26 9.29
N PRO B 58 -24.18 19.38 9.92
CA PRO B 58 -24.39 18.64 11.17
C PRO B 58 -24.42 17.16 10.87
N PRO B 59 -24.13 16.32 11.87
CA PRO B 59 -24.12 14.87 11.64
C PRO B 59 -25.45 14.38 11.06
N MET B 60 -25.34 13.51 10.06
CA MET B 60 -26.48 12.92 9.39
C MET B 60 -26.26 11.42 9.31
N TYR B 61 -27.32 10.65 9.51
CA TYR B 61 -27.13 9.21 9.57
C TYR B 61 -28.43 8.49 9.23
N LEU B 62 -28.28 7.31 8.64
CA LEU B 62 -29.43 6.54 8.19
C LEU B 62 -29.19 5.07 8.46
N GLN B 63 -30.06 4.43 9.23
CA GLN B 63 -30.04 2.98 9.32
C GLN B 63 -30.57 2.39 8.01
N ALA B 64 -29.81 1.47 7.42
CA ALA B 64 -30.26 0.83 6.19
C ALA B 64 -29.57 -0.52 6.03
N ASP B 65 -30.29 -1.48 5.47
CA ASP B 65 -29.70 -2.75 5.02
C ASP B 65 -29.10 -2.50 3.66
N ILE B 66 -27.79 -2.27 3.63
CA ILE B 66 -27.13 -1.82 2.40
C ILE B 66 -27.25 -2.87 1.29
N GLU B 67 -27.37 -4.15 1.65
CA GLU B 67 -27.55 -5.15 0.61
C GLU B 67 -28.89 -4.97 -0.10
N ALA B 68 -29.96 -4.68 0.65
CA ALA B 68 -31.30 -4.54 0.11
C ALA B 68 -31.61 -3.14 -0.38
N PHE B 69 -30.94 -2.15 0.18
CA PHE B 69 -31.20 -0.73 -0.08
C PHE B 69 -31.04 -0.38 -1.57
N ASP B 70 -31.92 0.49 -2.08
CA ASP B 70 -31.67 1.18 -3.34
C ASP B 70 -30.72 2.34 -3.05
N ILE B 71 -29.46 2.16 -3.44
CA ILE B 71 -28.42 3.12 -3.07
C ILE B 71 -28.66 4.50 -3.65
N ARG B 72 -29.44 4.60 -4.73
CA ARG B 72 -29.80 5.87 -5.36
C ARG B 72 -30.64 6.76 -4.47
N GLU B 73 -31.21 6.20 -3.39
CA GLU B 73 -31.90 7.04 -2.40
C GLU B 73 -30.96 7.97 -1.67
N LEU B 74 -29.65 7.73 -1.70
CA LEU B 74 -28.69 8.64 -1.11
C LEU B 74 -28.35 9.72 -2.13
N THR B 75 -28.81 10.95 -1.88
CA THR B 75 -28.55 12.09 -2.74
C THR B 75 -28.05 13.24 -1.86
N PRO B 76 -27.33 14.21 -2.44
CA PRO B 76 -26.88 14.37 -3.82
C PRO B 76 -25.63 13.52 -4.08
N LYS B 77 -24.92 13.74 -5.19
CA LYS B 77 -23.68 13.02 -5.46
C LYS B 77 -22.62 13.32 -4.41
N PHE B 78 -21.69 12.37 -4.21
CA PHE B 78 -20.70 12.49 -3.15
C PHE B 78 -19.30 12.75 -3.70
N ASP B 79 -18.60 13.70 -3.07
CA ASP B 79 -17.22 14.00 -3.43
C ASP B 79 -16.27 12.95 -2.91
N VAL B 80 -16.53 12.41 -1.72
CA VAL B 80 -15.71 11.34 -1.16
C VAL B 80 -16.65 10.30 -0.56
N ILE B 81 -16.25 9.04 -0.68
CA ILE B 81 -16.99 7.92 -0.13
C ILE B 81 -15.99 7.09 0.65
N LEU B 82 -16.33 6.78 1.89
CA LEU B 82 -15.55 5.90 2.76
C LEU B 82 -16.35 4.63 2.96
N LEU B 83 -15.76 3.47 2.62
CA LEU B 83 -16.47 2.18 2.64
C LEU B 83 -15.71 1.21 3.52
N GLU B 84 -16.36 0.70 4.58
CA GLU B 84 -15.78 -0.39 5.39
C GLU B 84 -16.78 -1.52 5.55
N PRO B 85 -17.06 -2.25 4.47
CA PRO B 85 -17.91 -3.44 4.58
C PRO B 85 -17.32 -4.44 5.54
N PRO B 86 -18.13 -5.05 6.41
CA PRO B 86 -17.56 -5.97 7.40
C PRO B 86 -17.08 -7.26 6.76
N LEU B 87 -15.77 -7.45 6.73
CA LEU B 87 -15.18 -8.63 6.11
C LEU B 87 -15.11 -9.78 7.10
N GLU B 88 -15.27 -10.98 6.57
CA GLU B 88 -15.19 -12.19 7.39
C GLU B 88 -13.82 -12.36 8.04
N GLU B 89 -12.78 -11.71 7.51
CA GLU B 89 -11.48 -11.78 8.15
C GLU B 89 -11.39 -10.90 9.39
N TYR B 90 -12.18 -9.83 9.47
CA TYR B 90 -12.24 -9.05 10.71
C TYR B 90 -12.77 -9.89 11.85
N TYR B 91 -13.52 -10.96 11.55
CA TYR B 91 -14.08 -11.86 12.54
C TYR B 91 -13.44 -13.24 12.37
N ARG B 92 -12.16 -13.33 12.71
CA ARG B 92 -11.46 -14.60 12.71
C ARG B 92 -10.16 -14.50 13.51
N THR B 97 -16.62 -14.42 15.58
CA THR B 97 -17.48 -13.73 16.53
C THR B 97 -18.45 -12.81 15.79
N ALA B 98 -18.98 -13.32 14.69
CA ALA B 98 -19.81 -12.52 13.79
C ALA B 98 -21.13 -12.14 14.45
N ASN B 99 -21.60 -10.93 14.13
CA ASN B 99 -22.88 -10.41 14.64
C ASN B 99 -23.76 -9.94 13.49
N GLU B 100 -23.37 -8.84 12.85
CA GLU B 100 -24.06 -8.33 11.68
C GLU B 100 -23.69 -9.17 10.45
N LYS B 101 -24.37 -8.91 9.33
CA LYS B 101 -24.06 -9.61 8.09
C LYS B 101 -22.64 -9.32 7.65
N CYS B 102 -21.86 -10.38 7.42
CA CYS B 102 -20.54 -10.28 6.82
C CYS B 102 -20.66 -10.25 5.30
N TRP B 103 -19.72 -9.57 4.65
CA TRP B 103 -19.78 -9.31 3.22
C TRP B 103 -18.63 -10.02 2.51
N THR B 104 -18.96 -10.82 1.50
CA THR B 104 -17.92 -11.32 0.60
C THR B 104 -17.54 -10.23 -0.41
N TRP B 105 -16.41 -10.43 -1.09
CA TRP B 105 -16.02 -9.43 -2.08
C TRP B 105 -16.97 -9.39 -3.27
N ASP B 106 -17.63 -10.51 -3.58
CA ASP B 106 -18.70 -10.47 -4.56
C ASP B 106 -19.85 -9.59 -4.09
N ASP B 107 -20.25 -9.72 -2.82
CA ASP B 107 -21.30 -8.86 -2.27
C ASP B 107 -20.90 -7.40 -2.39
N ILE B 108 -19.65 -7.09 -2.04
CA ILE B 108 -19.18 -5.71 -2.06
C ILE B 108 -19.19 -5.18 -3.49
N MET B 109 -18.73 -5.99 -4.43
CA MET B 109 -18.61 -5.54 -5.82
C MET B 109 -19.97 -5.16 -6.40
N LYS B 110 -21.04 -5.87 -6.02
CA LYS B 110 -22.38 -5.61 -6.51
C LYS B 110 -22.93 -4.25 -6.11
N LEU B 111 -22.33 -3.57 -5.13
CA LEU B 111 -22.82 -2.25 -4.75
C LEU B 111 -22.68 -1.29 -5.92
N GLU B 112 -23.71 -0.46 -6.13
CA GLU B 112 -23.75 0.40 -7.33
C GLU B 112 -23.19 1.78 -7.00
N ILE B 113 -21.90 1.79 -6.65
CA ILE B 113 -21.23 2.99 -6.18
C ILE B 113 -21.22 4.07 -7.25
N ASP B 114 -21.07 3.66 -8.52
CA ASP B 114 -20.97 4.65 -9.59
C ASP B 114 -22.23 5.47 -9.74
N GLU B 115 -23.37 4.96 -9.25
CA GLU B 115 -24.64 5.65 -9.30
C GLU B 115 -24.72 6.82 -8.33
N ILE B 116 -23.86 6.88 -7.31
CA ILE B 116 -23.92 7.96 -6.34
C ILE B 116 -22.64 8.78 -6.26
N ALA B 117 -21.54 8.34 -6.86
CA ALA B 117 -20.30 9.11 -6.81
C ALA B 117 -20.39 10.29 -7.76
N ALA B 118 -19.88 11.44 -7.31
CA ALA B 118 -19.82 12.61 -8.18
C ALA B 118 -18.91 12.34 -9.37
N PRO B 119 -19.10 13.07 -10.47
CA PRO B 119 -18.29 12.82 -11.68
C PRO B 119 -16.80 12.93 -11.46
N ARG B 120 -16.36 13.77 -10.54
CA ARG B 120 -14.98 13.74 -10.07
C ARG B 120 -15.08 13.52 -8.57
N SER B 121 -14.42 12.48 -8.10
CA SER B 121 -14.58 12.16 -6.68
C SER B 121 -13.57 11.08 -6.32
N PHE B 122 -13.53 10.77 -5.04
CA PHE B 122 -12.55 9.83 -4.50
C PHE B 122 -13.25 8.80 -3.63
N ILE B 123 -12.66 7.62 -3.54
CA ILE B 123 -13.18 6.58 -2.68
C ILE B 123 -12.05 6.06 -1.82
N PHE B 124 -12.40 5.60 -0.62
CA PHE B 124 -11.46 5.09 0.36
C PHE B 124 -12.06 3.77 0.86
N LEU B 125 -11.44 2.66 0.47
CA LEU B 125 -12.03 1.34 0.65
C LEU B 125 -11.14 0.54 1.60
N TRP B 126 -11.66 0.22 2.79
CA TRP B 126 -10.90 -0.63 3.70
C TRP B 126 -10.92 -2.06 3.16
N CYS B 127 -9.73 -2.64 2.91
CA CYS B 127 -9.60 -3.91 2.22
C CYS B 127 -9.03 -5.03 3.07
N GLY B 128 -8.66 -4.75 4.32
CA GLY B 128 -8.10 -5.79 5.15
C GLY B 128 -6.63 -5.99 4.86
N SER B 129 -6.16 -7.23 4.93
CA SER B 129 -4.75 -7.49 4.69
C SER B 129 -4.53 -8.77 3.89
N GLY B 130 -5.59 -9.39 3.37
CA GLY B 130 -5.44 -10.62 2.62
C GLY B 130 -5.92 -10.44 1.20
N GLU B 131 -6.90 -11.26 0.78
CA GLU B 131 -7.40 -11.25 -0.59
C GLU B 131 -8.00 -9.91 -0.99
N GLY B 132 -8.51 -9.14 -0.03
CA GLY B 132 -9.06 -7.82 -0.33
C GLY B 132 -8.09 -6.87 -1.01
N LEU B 133 -6.78 -7.06 -0.83
CA LEU B 133 -5.84 -6.16 -1.50
C LEU B 133 -5.90 -6.33 -3.02
N ASP B 134 -6.30 -7.52 -3.49
CA ASP B 134 -6.47 -7.79 -4.91
C ASP B 134 -7.92 -7.57 -5.34
N LEU B 135 -8.86 -8.13 -4.58
CA LEU B 135 -10.28 -8.05 -4.92
C LEU B 135 -10.83 -6.65 -4.74
N GLY B 136 -10.30 -5.88 -3.78
CA GLY B 136 -10.71 -4.49 -3.66
C GLY B 136 -10.33 -3.67 -4.87
N ARG B 137 -9.19 -4.00 -5.50
CA ARG B 137 -8.81 -3.34 -6.76
C ARG B 137 -9.80 -3.67 -7.87
N VAL B 138 -10.31 -4.90 -7.90
CA VAL B 138 -11.31 -5.26 -8.89
C VAL B 138 -12.59 -4.46 -8.67
N CYS B 139 -12.99 -4.32 -7.40
CA CYS B 139 -14.13 -3.45 -7.08
C CYS B 139 -13.90 -2.01 -7.56
N LEU B 140 -12.70 -1.46 -7.35
CA LEU B 140 -12.45 -0.09 -7.82
C LEU B 140 -12.66 0.02 -9.33
N ARG B 141 -12.14 -0.95 -10.10
CA ARG B 141 -12.34 -0.99 -11.55
C ARG B 141 -13.82 -0.98 -11.88
N LYS B 142 -14.56 -1.87 -11.24
CA LYS B 142 -15.98 -2.04 -11.52
C LYS B 142 -16.74 -0.75 -11.24
N TRP B 143 -16.40 -0.08 -10.14
CA TRP B 143 -17.11 1.13 -9.75
C TRP B 143 -16.70 2.34 -10.59
N GLY B 144 -15.65 2.23 -11.39
CA GLY B 144 -15.19 3.32 -12.23
C GLY B 144 -14.11 4.20 -11.63
N TYR B 145 -13.28 3.67 -10.75
CA TYR B 145 -12.16 4.43 -10.19
C TYR B 145 -10.84 3.82 -10.62
N ARG B 146 -9.79 4.64 -10.55
CA ARG B 146 -8.42 4.17 -10.66
C ARG B 146 -7.79 4.17 -9.29
N ARG B 147 -7.14 3.07 -8.91
CA ARG B 147 -6.38 3.03 -7.65
C ARG B 147 -5.26 4.06 -7.72
N CYS B 148 -5.24 4.99 -6.77
CA CYS B 148 -4.22 6.03 -6.84
C CYS B 148 -3.38 6.20 -5.58
N GLU B 149 -3.80 5.66 -4.42
CA GLU B 149 -2.94 5.60 -3.24
C GLU B 149 -3.35 4.37 -2.44
N ASP B 150 -2.52 4.04 -1.46
CA ASP B 150 -2.76 2.90 -0.58
C ASP B 150 -2.37 3.34 0.82
N ILE B 151 -3.36 3.59 1.66
CA ILE B 151 -3.14 4.09 3.01
C ILE B 151 -3.06 2.89 3.93
N CYS B 152 -1.88 2.65 4.50
CA CYS B 152 -1.70 1.50 5.37
C CYS B 152 -1.87 1.90 6.84
N TRP B 153 -2.76 1.19 7.53
CA TRP B 153 -2.92 1.30 8.97
C TRP B 153 -2.02 0.26 9.61
N ILE B 154 -0.92 0.73 10.20
CA ILE B 154 0.12 -0.09 10.81
C ILE B 154 -0.19 -0.23 12.29
N LYS B 155 -0.21 -1.45 12.81
CA LYS B 155 -0.63 -1.67 14.19
C LYS B 155 0.56 -2.04 15.08
N THR B 156 0.73 -1.29 16.16
CA THR B 156 1.75 -1.59 17.14
C THR B 156 1.17 -2.51 18.21
N ASN B 157 2.06 -3.25 18.86
CA ASN B 157 1.66 -4.14 19.95
C ASN B 157 2.50 -3.84 21.19
N LYS B 158 2.60 -2.53 21.53
CA LYS B 158 3.34 -2.16 22.72
C LYS B 158 2.70 -2.70 23.98
N ASN B 159 1.37 -2.78 24.01
CA ASN B 159 0.69 -3.25 25.21
C ASN B 159 0.73 -4.76 25.35
N ASN B 160 0.78 -5.50 24.25
CA ASN B 160 0.66 -6.96 24.28
C ASN B 160 1.70 -7.58 23.36
N PRO B 161 2.97 -7.59 23.77
CA PRO B 161 3.96 -8.38 23.02
C PRO B 161 3.72 -9.87 23.23
N GLY B 162 3.75 -10.65 22.14
CA GLY B 162 4.13 -10.11 20.86
C GLY B 162 3.83 -10.92 19.62
N LYS B 163 3.42 -12.17 19.80
CA LYS B 163 3.03 -13.01 18.68
C LYS B 163 1.53 -13.03 18.43
N THR B 164 0.81 -12.05 18.96
CA THR B 164 -0.65 -11.97 18.79
C THR B 164 -1.01 -11.45 17.41
N THR B 166 -2.77 -12.74 14.13
CA THR B 166 -2.30 -14.03 13.63
C THR B 166 -3.27 -15.12 14.05
N LEU B 167 -3.51 -16.12 13.19
CA LEU B 167 -3.03 -16.13 11.80
C LEU B 167 -4.22 -16.52 10.92
N ASP B 168 -4.24 -16.05 9.68
CA ASP B 168 -5.43 -16.36 8.87
C ASP B 168 -5.06 -17.28 7.70
N PRO B 169 -4.96 -16.83 6.43
CA PRO B 169 -5.06 -17.81 5.34
C PRO B 169 -3.75 -18.51 5.02
N LYS B 170 -3.32 -18.35 3.77
CA LYS B 170 -2.07 -18.86 3.23
C LYS B 170 -0.90 -17.90 3.44
N ALA B 171 -1.00 -17.04 4.46
CA ALA B 171 0.06 -16.08 4.75
C ALA B 171 1.36 -16.82 5.07
N VAL B 172 2.47 -16.13 4.86
CA VAL B 172 3.75 -16.60 5.37
C VAL B 172 4.38 -15.63 6.36
N PHE B 173 3.94 -14.38 6.44
CA PHE B 173 4.37 -13.45 7.47
C PHE B 173 3.22 -13.14 8.40
N GLN B 174 3.53 -12.66 9.60
CA GLN B 174 2.49 -12.18 10.49
C GLN B 174 1.96 -10.86 9.96
N ARG B 175 0.65 -10.76 9.81
CA ARG B 175 0.04 -9.58 9.19
C ARG B 175 -0.29 -8.56 10.27
N THR B 176 0.34 -7.40 10.20
CA THR B 176 0.27 -6.41 11.26
C THR B 176 -0.25 -5.07 10.75
N LYS B 177 -0.98 -5.08 9.63
CA LYS B 177 -1.48 -3.84 9.04
C LYS B 177 -2.78 -4.13 8.30
N GLU B 178 -3.54 -3.06 8.04
CA GLU B 178 -4.67 -3.11 7.12
C GLU B 178 -4.48 -2.03 6.06
N HIS B 179 -5.05 -2.27 4.88
CA HIS B 179 -4.92 -1.37 3.75
C HIS B 179 -6.25 -0.69 3.46
N CYS B 180 -6.22 0.62 3.29
CA CYS B 180 -7.35 1.40 2.81
C CYS B 180 -6.97 1.93 1.42
N LEU B 181 -7.51 1.30 0.37
CA LEU B 181 -7.17 1.69 -1.00
C LEU B 181 -7.93 2.96 -1.34
N MET B 182 -7.23 3.89 -1.96
CA MET B 182 -7.83 5.13 -2.41
C MET B 182 -7.99 5.09 -3.92
N GLY B 183 -9.16 5.48 -4.40
CA GLY B 183 -9.42 5.53 -5.83
C GLY B 183 -9.87 6.91 -6.26
N ILE B 184 -9.59 7.23 -7.54
CA ILE B 184 -9.99 8.50 -8.14
C ILE B 184 -10.95 8.22 -9.29
N LYS B 185 -12.04 8.99 -9.35
CA LYS B 185 -12.96 8.97 -10.47
C LYS B 185 -12.93 10.32 -11.19
N GLY B 186 -12.92 10.28 -12.51
CA GLY B 186 -12.92 11.51 -13.28
C GLY B 186 -11.54 12.10 -13.46
N THR B 187 -11.54 13.34 -13.95
CA THR B 187 -10.32 14.06 -14.25
C THR B 187 -10.06 15.08 -13.14
N VAL B 188 -8.90 14.98 -12.50
CA VAL B 188 -8.46 15.93 -11.48
C VAL B 188 -7.01 16.29 -11.78
N LYS B 189 -6.75 17.57 -12.02
CA LYS B 189 -5.42 18.05 -12.36
C LYS B 189 -4.91 18.90 -11.20
N ARG B 190 -3.82 18.45 -10.55
CA ARG B 190 -3.32 19.18 -9.39
C ARG B 190 -2.93 20.61 -9.74
N SER B 191 -2.63 20.89 -11.01
CA SER B 191 -2.20 22.24 -11.39
C SER B 191 -3.37 23.21 -11.40
N THR B 192 -4.56 22.76 -11.79
CA THR B 192 -5.69 23.65 -11.95
C THR B 192 -6.81 23.43 -10.95
N ASP B 193 -6.85 22.30 -10.26
CA ASP B 193 -7.99 21.93 -9.43
C ASP B 193 -7.69 22.08 -7.95
N GLY B 194 -6.94 23.13 -7.58
CA GLY B 194 -6.72 23.44 -6.19
C GLY B 194 -7.95 23.85 -5.42
N ASP B 195 -9.07 24.13 -6.09
CA ASP B 195 -10.33 24.34 -5.39
C ASP B 195 -11.04 23.03 -5.06
N PHE B 196 -10.50 21.88 -5.50
CA PHE B 196 -11.07 20.56 -5.18
C PHE B 196 -10.17 19.69 -4.31
N ILE B 197 -8.84 19.78 -4.45
CA ILE B 197 -7.96 18.98 -3.61
C ILE B 197 -6.80 19.82 -3.10
N HIS B 198 -6.34 19.45 -1.90
CA HIS B 198 -5.11 19.94 -1.29
C HIS B 198 -4.21 18.72 -1.17
N ALA B 199 -3.36 18.50 -2.17
CA ALA B 199 -2.56 17.28 -2.14
C ALA B 199 -1.39 17.43 -1.17
N ASN B 200 -0.85 16.29 -0.74
CA ASN B 200 0.40 16.22 0.02
C ASN B 200 0.32 16.81 1.43
N VAL B 201 -0.87 16.93 1.99
CA VAL B 201 -0.97 17.45 3.35
C VAL B 201 -0.82 16.34 4.39
N ASP B 202 -1.12 15.10 4.04
CA ASP B 202 -0.94 13.95 4.90
C ASP B 202 -0.16 12.87 4.17
N ILE B 203 0.40 11.95 4.94
CA ILE B 203 1.14 10.83 4.39
C ILE B 203 0.21 9.61 4.39
N ASP B 204 0.56 8.61 3.57
CA ASP B 204 -0.29 7.42 3.38
C ASP B 204 -0.08 6.35 4.44
N LEU B 205 0.15 6.76 5.69
CA LEU B 205 0.30 5.84 6.80
C LEU B 205 -0.48 6.33 8.01
N ILE B 206 -1.04 5.39 8.77
CA ILE B 206 -1.62 5.65 10.09
C ILE B 206 -1.04 4.62 11.04
N ILE B 207 -0.56 5.05 12.21
CA ILE B 207 0.12 4.17 13.15
C ILE B 207 -0.59 4.30 14.50
N THR B 208 -1.27 3.22 14.93
CA THR B 208 -1.87 3.18 16.26
C THR B 208 -1.68 1.80 16.86
N GLU B 209 -2.01 1.70 18.14
CA GLU B 209 -1.93 0.42 18.84
C GLU B 209 -3.06 -0.49 18.39
N GLU B 210 -2.75 -1.78 18.27
CA GLU B 210 -3.70 -2.84 18.02
C GLU B 210 -4.92 -2.69 18.95
N PRO B 211 -6.13 -2.59 18.42
CA PRO B 211 -7.30 -2.43 19.29
C PRO B 211 -7.59 -3.69 20.07
N GLU B 212 -8.39 -3.52 21.13
CA GLU B 212 -8.83 -4.65 21.92
C GLU B 212 -9.53 -5.68 21.04
N ILE B 213 -9.45 -6.94 21.46
CA ILE B 213 -10.06 -8.02 20.68
C ILE B 213 -11.53 -7.71 20.43
N GLY B 214 -12.00 -8.03 19.23
CA GLY B 214 -13.39 -7.80 18.88
C GLY B 214 -13.77 -6.35 18.62
N ASN B 215 -12.87 -5.40 18.83
CA ASN B 215 -13.08 -4.01 18.41
C ASN B 215 -12.68 -3.91 16.95
N ILE B 216 -13.64 -3.64 16.07
CA ILE B 216 -13.39 -3.64 14.63
C ILE B 216 -13.31 -2.23 14.07
N GLU B 217 -13.35 -1.20 14.91
CA GLU B 217 -13.27 0.18 14.44
C GLU B 217 -11.93 0.44 13.75
N LYS B 218 -11.95 1.35 12.77
CA LYS B 218 -10.76 1.83 12.09
C LYS B 218 -10.32 3.15 12.72
N PRO B 219 -9.05 3.53 12.55
CA PRO B 219 -8.57 4.76 13.22
C PRO B 219 -9.28 5.99 12.68
N VAL B 220 -9.70 6.87 13.60
CA VAL B 220 -10.38 8.10 13.20
C VAL B 220 -9.50 8.99 12.33
N GLU B 221 -8.17 8.80 12.36
CA GLU B 221 -7.31 9.59 11.49
C GLU B 221 -7.67 9.46 10.02
N ILE B 222 -8.31 8.35 9.60
CA ILE B 222 -8.68 8.24 8.19
C ILE B 222 -9.59 9.40 7.79
N PHE B 223 -10.47 9.83 8.69
CA PHE B 223 -11.31 10.99 8.41
C PHE B 223 -10.47 12.24 8.17
N HIS B 224 -9.46 12.45 9.01
CA HIS B 224 -8.62 13.63 8.86
C HIS B 224 -7.92 13.65 7.50
N ILE B 225 -7.40 12.50 7.07
CA ILE B 225 -6.72 12.45 5.78
C ILE B 225 -7.68 12.81 4.65
N ILE B 226 -8.88 12.23 4.69
CA ILE B 226 -9.87 12.48 3.63
C ILE B 226 -10.28 13.95 3.64
N GLU B 227 -10.63 14.48 4.82
CA GLU B 227 -11.12 15.85 4.93
C GLU B 227 -10.05 16.87 4.54
N HIS B 228 -8.78 16.61 4.91
CA HIS B 228 -7.71 17.53 4.49
C HIS B 228 -7.51 17.51 2.99
N PHE B 229 -7.70 16.34 2.36
CA PHE B 229 -7.29 16.16 0.97
C PHE B 229 -8.31 16.71 -0.01
N CYS B 230 -9.60 16.44 0.20
CA CYS B 230 -10.63 16.82 -0.76
C CYS B 230 -11.52 17.91 -0.17
N LEU B 231 -11.67 19.02 -0.90
CA LEU B 231 -12.48 20.15 -0.46
C LEU B 231 -13.97 19.93 -0.72
N GLY B 232 -14.35 18.80 -1.32
CA GLY B 232 -15.76 18.50 -1.50
C GLY B 232 -16.41 18.23 -0.16
N ARG B 233 -17.55 18.87 0.10
CA ARG B 233 -18.22 18.79 1.39
C ARG B 233 -19.18 17.61 1.51
N ARG B 234 -19.44 16.90 0.44
CA ARG B 234 -20.45 15.84 0.39
C ARG B 234 -19.73 14.52 0.62
N ARG B 235 -19.82 14.01 1.85
CA ARG B 235 -18.98 12.90 2.32
C ARG B 235 -19.87 11.80 2.85
N LEU B 236 -19.71 10.59 2.29
CA LEU B 236 -20.54 9.44 2.66
C LEU B 236 -19.68 8.37 3.32
N HIS B 237 -20.16 7.87 4.48
CA HIS B 237 -19.48 6.76 5.15
C HIS B 237 -20.43 5.56 5.13
N LEU B 238 -20.16 4.62 4.22
CA LEU B 238 -20.94 3.39 4.14
C LEU B 238 -20.42 2.36 5.12
N PHE B 239 -21.37 1.73 5.82
CA PHE B 239 -21.13 0.77 6.91
C PHE B 239 -20.55 1.43 8.15
N GLY B 240 -20.76 2.73 8.32
CA GLY B 240 -20.42 3.36 9.58
C GLY B 240 -21.36 2.93 10.69
N ARG B 241 -20.93 3.13 11.93
CA ARG B 241 -21.70 2.72 13.10
C ARG B 241 -21.97 3.94 13.97
N ASP B 242 -22.72 3.73 15.07
CA ASP B 242 -23.06 4.87 15.93
C ASP B 242 -21.82 5.64 16.32
N SER B 243 -20.73 4.92 16.63
CA SER B 243 -19.54 5.56 17.15
C SER B 243 -18.73 6.30 16.10
N THR B 244 -19.05 6.15 14.81
CA THR B 244 -18.35 6.89 13.76
C THR B 244 -19.13 8.09 13.26
N ILE B 245 -20.36 8.30 13.73
CA ILE B 245 -21.14 9.45 13.30
C ILE B 245 -20.35 10.73 13.56
N ARG B 246 -20.36 11.64 12.59
CA ARG B 246 -19.39 12.73 12.61
C ARG B 246 -19.93 13.91 11.82
N PRO B 247 -19.73 15.15 12.29
CA PRO B 247 -20.14 16.32 11.50
C PRO B 247 -19.41 16.31 10.16
N GLY B 248 -20.09 16.82 9.14
CA GLY B 248 -19.55 16.83 7.79
C GLY B 248 -19.69 15.51 7.04
N TRP B 249 -20.28 14.48 7.65
CA TRP B 249 -20.43 13.18 7.03
C TRP B 249 -21.90 12.73 7.07
N LEU B 250 -22.29 11.95 6.07
CA LEU B 250 -23.53 11.19 6.11
C LEU B 250 -23.14 9.73 6.37
N THR B 251 -23.63 9.17 7.46
CA THR B 251 -23.27 7.82 7.89
C THR B 251 -24.43 6.86 7.66
N VAL B 252 -24.17 5.77 6.93
CA VAL B 252 -25.23 4.85 6.53
C VAL B 252 -24.77 3.44 6.85
N GLY B 253 -25.63 2.65 7.48
CA GLY B 253 -25.27 1.30 7.86
C GLY B 253 -26.36 0.56 8.62
N PRO B 254 -26.24 -0.77 8.66
CA PRO B 254 -27.32 -1.57 9.27
C PRO B 254 -27.33 -1.53 10.78
N THR B 255 -26.21 -1.26 11.45
CA THR B 255 -26.22 -1.32 12.91
C THR B 255 -26.53 0.02 13.56
N LEU B 256 -26.75 1.08 12.78
CA LEU B 256 -27.20 2.34 13.35
C LEU B 256 -28.50 2.15 14.11
N THR B 257 -28.56 2.74 15.31
CA THR B 257 -29.74 2.63 16.15
C THR B 257 -30.82 3.66 15.83
N ASN B 258 -30.47 4.76 15.17
CA ASN B 258 -31.45 5.80 14.85
C ASN B 258 -31.10 6.38 13.50
N SER B 259 -32.06 7.12 12.92
CA SER B 259 -31.87 7.78 11.63
C SER B 259 -32.39 9.20 11.71
N ASN B 260 -31.65 10.15 11.11
CA ASN B 260 -32.14 11.51 10.97
C ASN B 260 -31.97 12.04 9.55
N TYR B 261 -31.51 11.22 8.62
CA TYR B 261 -31.23 11.68 7.26
C TYR B 261 -32.50 12.11 6.55
N ASN B 262 -32.46 13.30 5.95
CA ASN B 262 -33.50 13.80 5.05
C ASN B 262 -32.77 14.29 3.83
N ALA B 263 -32.99 13.61 2.69
CA ALA B 263 -32.18 13.85 1.50
C ALA B 263 -32.31 15.29 1.02
N GLU B 264 -33.51 15.86 1.12
CA GLU B 264 -33.72 17.23 0.70
C GLU B 264 -32.99 18.20 1.64
N THR B 265 -33.12 18.00 2.96
CA THR B 265 -32.44 18.87 3.90
C THR B 265 -30.94 18.78 3.73
N TYR B 266 -30.42 17.54 3.61
CA TYR B 266 -28.99 17.34 3.40
C TYR B 266 -28.51 18.08 2.14
N ALA B 267 -29.24 17.91 1.03
CA ALA B 267 -28.83 18.57 -0.21
C ALA B 267 -28.84 20.09 -0.07
N SER B 268 -29.72 20.64 0.76
CA SER B 268 -29.85 22.10 0.84
C SER B 268 -28.61 22.74 1.44
N TYR B 269 -27.80 21.99 2.20
CA TYR B 269 -26.60 22.58 2.77
C TYR B 269 -25.55 22.87 1.70
N PHE B 270 -25.66 22.24 0.54
CA PHE B 270 -24.67 22.41 -0.53
C PHE B 270 -25.17 23.26 -1.67
N SER B 271 -26.46 23.57 -1.75
CA SER B 271 -26.98 24.32 -2.88
C SER B 271 -26.99 25.80 -2.55
N ALA B 272 -27.27 26.62 -3.56
CA ALA B 272 -27.24 28.08 -3.40
C ALA B 272 -27.98 28.55 -2.14
N PRO B 273 -27.41 29.53 -1.40
CA PRO B 273 -26.20 30.33 -1.65
C PRO B 273 -24.90 29.60 -1.30
N ASN B 274 -25.01 28.38 -0.81
CA ASN B 274 -23.84 27.59 -0.46
C ASN B 274 -23.18 27.00 -1.70
N SER B 275 -22.03 26.37 -1.46
CA SER B 275 -21.28 25.62 -2.45
C SER B 275 -21.04 24.23 -1.92
N TYR B 276 -20.89 23.26 -2.82
CA TYR B 276 -20.48 21.93 -2.35
C TYR B 276 -19.00 21.87 -2.01
N LEU B 277 -18.26 22.96 -2.20
CA LEU B 277 -16.83 23.01 -1.92
C LEU B 277 -16.60 23.86 -0.68
N THR B 278 -15.55 23.54 0.07
CA THR B 278 -15.27 24.32 1.28
C THR B 278 -14.74 25.71 0.98
N GLY B 279 -14.21 25.94 -0.21
CA GLY B 279 -13.43 27.16 -0.38
C GLY B 279 -12.12 27.05 0.38
N CYS B 280 -11.43 28.18 0.48
CA CYS B 280 -10.12 28.21 1.13
C CYS B 280 -9.77 29.65 1.49
N THR B 281 -8.99 29.81 2.55
CA THR B 281 -8.52 31.13 2.98
C THR B 281 -7.18 31.43 2.33
N GLU B 282 -6.83 32.72 2.31
CA GLU B 282 -5.53 33.10 1.79
C GLU B 282 -4.40 32.51 2.64
N GLU B 283 -4.62 32.40 3.96
CA GLU B 283 -3.58 31.87 4.84
C GLU B 283 -3.26 30.42 4.51
N ILE B 284 -4.28 29.61 4.21
CA ILE B 284 -4.04 28.22 3.85
C ILE B 284 -3.37 28.12 2.48
N GLU B 285 -3.77 28.98 1.54
CA GLU B 285 -3.13 28.94 0.23
C GLU B 285 -1.64 29.23 0.33
N ARG B 286 -1.23 30.01 1.31
CA ARG B 286 0.18 30.36 1.47
C ARG B 286 0.97 29.32 2.25
N LEU B 287 0.29 28.46 3.02
CA LEU B 287 0.97 27.42 3.78
C LEU B 287 0.98 26.06 3.11
N ARG B 288 -0.02 25.74 2.27
CA ARG B 288 -0.12 24.36 1.85
C ARG B 288 0.91 24.03 0.76
N PRO B 289 1.31 22.77 0.65
CA PRO B 289 2.36 22.42 -0.33
C PRO B 289 1.84 22.58 -1.75
N LYS B 290 2.63 23.26 -2.58
CA LYS B 290 2.32 23.55 -3.99
C LYS B 290 3.52 23.34 -4.87
N SEP B 291 3.30 23.05 -6.14
CA SEP B 291 4.44 22.98 -7.06
CB SEP B 291 4.05 22.34 -8.39
OG SEP B 291 2.84 22.88 -8.89
C SEP B 291 5.06 24.36 -7.29
O SEP B 291 4.39 25.38 -7.17
P SEP B 291 1.87 21.63 -9.21
O1P SEP B 291 0.98 21.97 -10.50
O2P SEP B 291 0.90 21.38 -7.95
O3P SEP B 291 2.75 20.31 -9.49
N PRO B 292 6.37 24.38 -7.63
CA PRO B 292 7.05 25.64 -7.97
C PRO B 292 6.65 26.13 -9.37
N PRO B 293 7.10 27.33 -9.76
CA PRO B 293 6.86 27.79 -11.14
C PRO B 293 7.50 26.85 -12.15
N PRO B 294 6.84 26.58 -13.28
CA PRO B 294 7.43 25.78 -14.37
C PRO B 294 8.73 26.36 -14.93
C1 EDO C . 30.41 -7.94 -6.47
O1 EDO C . 30.74 -7.67 -5.10
C2 EDO C . 30.53 -6.64 -7.24
O2 EDO C . 29.93 -6.78 -8.53
C1 EDO D . 0.66 12.74 7.83
O1 EDO D . 1.26 13.63 8.77
C2 EDO D . -0.65 12.17 8.34
O2 EDO D . -1.21 11.16 7.47
BR BR E . -21.16 0.61 -10.16
#